data_3G8U
#
_entry.id   3G8U
#
_cell.length_a   116.941
_cell.length_b   38.605
_cell.length_c   98.518
_cell.angle_alpha   90.00
_cell.angle_beta   123.51
_cell.angle_gamma   90.00
#
_symmetry.space_group_name_H-M   'C 1 2 1'
#
loop_
_entity.id
_entity.type
_entity.pdbx_description
1 polymer 'Glucocorticoid receptor'
2 polymer "DNA (5'-D(*TP*GP*GP*AP*AP*CP*CP*CP*AP*AP*TP*GP*TP*TP*CP*T)-3')"
3 polymer "DNA (5'-D(*AP*AP*GP*AP*AP*CP*AP*TP*TP*GP*GP*GP*TP*TP*CP*C)-3')"
4 non-polymer 'ZINC ION'
5 water water
#
loop_
_entity_poly.entity_id
_entity_poly.type
_entity_poly.pdbx_seq_one_letter_code
_entity_poly.pdbx_strand_id
1 'polypeptide(L)'
;GSHMCLVCSDEASGCHYGVLTCGSCKVFFKRAVEGQHNYLCAGRNDCIIDKIRRKNCPACRYRKCLQAGMNLEARKTKKK
IKGIQQATAG
;
A,B
2 'polydeoxyribonucleotide' (DT)(DG)(DG)(DA)(DA)(DC)(DC)(DC)(DA)(DA)(DT)(DG)(DT)(DT)(DC)(DT) D
3 'polydeoxyribonucleotide' (DA)(DA)(DG)(DA)(DA)(DC)(DA)(DT)(DT)(DG)(DG)(DG)(DT)(DT)(DC)(DC) C
#
loop_
_chem_comp.id
_chem_comp.type
_chem_comp.name
_chem_comp.formula
DA DNA linking 2'-DEOXYADENOSINE-5'-MONOPHOSPHATE 'C10 H14 N5 O6 P'
DC DNA linking 2'-DEOXYCYTIDINE-5'-MONOPHOSPHATE 'C9 H14 N3 O7 P'
DG DNA linking 2'-DEOXYGUANOSINE-5'-MONOPHOSPHATE 'C10 H14 N5 O7 P'
DT DNA linking THYMIDINE-5'-MONOPHOSPHATE 'C10 H15 N2 O8 P'
ZN non-polymer 'ZINC ION' 'Zn 2'
#
# COMPACT_ATOMS: atom_id res chain seq x y z
N SER A 2 -2.84 24.92 -10.53
CA SER A 2 -1.72 24.60 -9.65
C SER A 2 -0.69 23.77 -10.41
N HIS A 3 0.02 22.90 -9.70
CA HIS A 3 1.00 22.04 -10.35
C HIS A 3 1.13 20.65 -9.71
N MET A 4 0.40 20.40 -8.64
CA MET A 4 0.54 19.13 -7.92
C MET A 4 -0.70 18.25 -8.04
N CYS A 5 -0.47 16.94 -8.10
CA CYS A 5 -1.55 15.97 -8.19
C CYS A 5 -2.49 16.08 -6.99
N LEU A 6 -3.79 16.11 -7.22
CA LEU A 6 -4.76 16.33 -6.16
C LEU A 6 -5.02 15.05 -5.38
N VAL A 7 -4.43 13.96 -5.82
CA VAL A 7 -4.58 12.67 -5.15
C VAL A 7 -3.38 12.42 -4.30
N CYS A 8 -2.18 12.48 -4.90
CA CYS A 8 -0.96 12.09 -4.17
C CYS A 8 0.11 13.17 -3.83
N SER A 9 -0.07 14.41 -4.28
CA SER A 9 0.91 15.50 -4.12
C SER A 9 2.21 15.41 -4.91
N ASP A 10 2.32 14.48 -5.84
CA ASP A 10 3.50 14.40 -6.68
C ASP A 10 3.31 15.48 -7.77
N GLU A 11 4.21 15.51 -8.74
CA GLU A 11 4.15 16.53 -9.79
C GLU A 11 3.11 16.11 -10.81
N ALA A 12 2.02 16.86 -10.89
CA ALA A 12 0.94 16.57 -11.84
C ALA A 12 1.41 16.77 -13.28
N SER A 13 0.88 15.94 -14.19
CA SER A 13 1.23 16.01 -15.61
C SER A 13 0.07 16.49 -16.47
N GLY A 14 -0.91 17.11 -15.85
CA GLY A 14 -2.09 17.59 -16.54
C GLY A 14 -3.39 17.07 -15.94
N CYS A 15 -4.47 17.27 -16.65
N CYS A 15 -4.49 17.37 -16.60
CA CYS A 15 -5.81 16.95 -16.15
CA CYS A 15 -5.77 16.88 -16.14
C CYS A 15 -6.32 15.63 -16.72
C CYS A 15 -6.01 15.51 -16.73
N HIS A 16 -6.46 14.59 -15.89
CA HIS A 16 -6.90 13.28 -16.37
C HIS A 16 -8.19 12.86 -15.68
N TYR A 17 -9.13 12.32 -16.46
CA TYR A 17 -10.40 11.89 -15.90
C TYR A 17 -10.97 12.99 -15.06
N GLY A 18 -10.74 14.23 -15.46
CA GLY A 18 -11.40 15.37 -14.87
C GLY A 18 -10.64 16.01 -13.74
N VAL A 19 -9.46 15.50 -13.41
CA VAL A 19 -8.74 16.02 -12.26
C VAL A 19 -7.26 16.22 -12.50
N LEU A 20 -6.74 17.31 -11.97
CA LEU A 20 -5.34 17.60 -12.07
C LEU A 20 -4.65 16.49 -11.31
N THR A 21 -3.95 15.60 -12.03
CA THR A 21 -3.25 14.47 -11.40
C THR A 21 -1.92 14.17 -12.06
N CYS A 22 -1.09 13.39 -11.38
CA CYS A 22 0.12 12.85 -12.01
C CYS A 22 -0.23 11.64 -12.87
N GLY A 23 0.76 11.19 -13.63
CA GLY A 23 0.62 10.09 -14.58
C GLY A 23 0.40 8.76 -13.85
N SER A 24 1.03 8.58 -12.71
CA SER A 24 0.80 7.33 -11.94
C SER A 24 -0.63 7.21 -11.40
N CYS A 25 -1.19 8.30 -10.89
CA CYS A 25 -2.56 8.27 -10.43
C CYS A 25 -3.55 8.14 -11.58
N LYS A 26 -3.19 8.65 -12.76
CA LYS A 26 -4.04 8.52 -13.95
C LYS A 26 -4.29 7.05 -14.28
N VAL A 27 -3.20 6.28 -14.44
CA VAL A 27 -3.37 4.89 -14.88
C VAL A 27 -3.83 4.00 -13.64
N PHE A 28 -3.43 4.37 -12.44
CA PHE A 28 -4.01 3.67 -11.25
C PHE A 28 -5.55 3.72 -11.25
N PHE A 29 -6.08 4.93 -11.42
CA PHE A 29 -7.52 5.10 -11.43
C PHE A 29 -8.20 4.32 -12.55
N LYS A 30 -7.59 4.31 -13.71
CA LYS A 30 -8.20 3.69 -14.88
C LYS A 30 -8.27 2.20 -14.65
N ARG A 31 -7.20 1.69 -14.07
CA ARG A 31 -7.11 0.26 -13.75
C ARG A 31 -8.11 -0.10 -12.64
N ALA A 32 -8.17 0.74 -11.62
CA ALA A 32 -9.07 0.45 -10.48
C ALA A 32 -10.55 0.53 -10.90
N VAL A 33 -10.87 1.48 -11.76
CA VAL A 33 -12.24 1.71 -12.16
C VAL A 33 -12.75 0.69 -13.16
N GLU A 34 -11.87 0.17 -14.02
CA GLU A 34 -12.26 -0.74 -15.08
C GLU A 34 -12.22 -2.19 -14.62
N GLY A 35 -11.43 -2.51 -13.63
CA GLY A 35 -11.52 -3.85 -13.08
C GLY A 35 -12.32 -3.84 -11.78
N GLN A 36 -11.96 -4.74 -10.88
CA GLN A 36 -12.44 -4.67 -9.51
C GLN A 36 -11.51 -3.75 -8.74
N HIS A 37 -12.06 -3.10 -7.71
CA HIS A 37 -11.27 -2.34 -6.75
C HIS A 37 -11.67 -2.85 -5.33
N ASN A 38 -11.25 -4.09 -5.11
N ASN A 38 -11.57 -4.16 -5.06
CA ASN A 38 -11.60 -4.96 -4.01
CA ASN A 38 -11.96 -4.75 -3.74
C ASN A 38 -10.54 -4.85 -2.94
C ASN A 38 -10.75 -4.81 -2.82
N TYR A 39 -10.19 -3.64 -2.57
CA TYR A 39 -8.99 -3.48 -1.79
C TYR A 39 -9.36 -3.40 -0.33
N LEU A 40 -8.41 -3.76 0.54
CA LEU A 40 -8.61 -3.61 1.97
C LEU A 40 -7.58 -2.69 2.60
N CYS A 41 -8.01 -1.76 3.41
CA CYS A 41 -7.06 -0.93 4.14
C CYS A 41 -6.58 -1.70 5.41
N ALA A 42 -5.29 -1.67 5.71
CA ALA A 42 -4.70 -2.23 6.92
C ALA A 42 -4.71 -1.22 8.06
N GLY A 43 -5.24 -0.02 7.80
CA GLY A 43 -5.28 1.00 8.84
C GLY A 43 -6.69 1.37 9.21
N ARG A 44 -7.11 2.63 9.18
N ARG A 44 -6.95 2.68 9.11
CA ARG A 44 -8.53 2.86 9.51
CA ARG A 44 -8.18 3.34 9.52
C ARG A 44 -9.25 3.64 8.41
C ARG A 44 -8.80 4.07 8.32
N ASN A 45 -8.85 3.37 7.18
CA ASN A 45 -9.37 3.99 5.93
C ASN A 45 -9.02 5.47 5.86
N ASP A 46 -7.85 5.81 6.37
CA ASP A 46 -7.43 7.20 6.24
C ASP A 46 -5.93 7.38 6.03
N CYS A 47 -5.37 6.42 5.31
CA CYS A 47 -3.95 6.41 5.04
C CYS A 47 -3.49 7.68 4.39
N ILE A 48 -2.30 8.13 4.77
CA ILE A 48 -1.66 9.21 4.04
C ILE A 48 -1.11 8.74 2.69
N ILE A 49 -1.44 9.44 1.58
CA ILE A 49 -1.04 8.99 0.24
C ILE A 49 -0.05 10.00 -0.42
N ASP A 50 1.27 9.82 -0.27
CA ASP A 50 2.24 10.73 -0.89
C ASP A 50 2.98 9.97 -1.93
N LYS A 51 4.10 10.51 -2.35
CA LYS A 51 4.70 10.03 -3.59
C LYS A 51 5.16 8.58 -3.42
N ILE A 52 5.69 8.26 -2.25
CA ILE A 52 6.17 6.91 -1.95
C ILE A 52 5.05 6.06 -1.26
N ARG A 53 4.35 6.62 -0.29
CA ARG A 53 3.27 5.87 0.37
C ARG A 53 2.03 5.54 -0.49
N ARG A 54 1.79 6.30 -1.55
CA ARG A 54 0.60 6.04 -2.37
C ARG A 54 0.58 4.57 -2.80
N LYS A 55 1.75 3.90 -2.77
CA LYS A 55 1.82 2.47 -3.11
C LYS A 55 1.29 1.51 -2.00
N ASN A 56 1.28 1.99 -0.78
CA ASN A 56 0.90 1.14 0.36
C ASN A 56 -0.52 0.75 0.37
N CYS A 57 -1.41 1.67 0.00
CA CYS A 57 -2.81 1.41 0.25
C CYS A 57 -3.70 1.80 -0.86
N PRO A 58 -3.88 0.87 -1.81
CA PRO A 58 -4.78 1.14 -2.91
C PRO A 58 -6.22 1.37 -2.48
N ALA A 59 -6.70 0.84 -1.33
CA ALA A 59 -8.05 1.21 -0.97
C ALA A 59 -8.14 2.71 -0.74
N CYS A 60 -7.25 3.24 0.07
CA CYS A 60 -7.31 4.66 0.42
C CYS A 60 -6.91 5.51 -0.86
N ARG A 61 -6.01 5.00 -1.68
CA ARG A 61 -5.65 5.77 -2.91
C ARG A 61 -6.87 5.93 -3.82
N TYR A 62 -7.59 4.86 -3.99
CA TYR A 62 -8.77 4.89 -4.85
C TYR A 62 -9.85 5.75 -4.20
N ARG A 63 -10.04 5.69 -2.88
CA ARG A 63 -10.95 6.67 -2.29
C ARG A 63 -10.56 8.12 -2.50
N LYS A 64 -9.28 8.48 -2.38
CA LYS A 64 -8.91 9.85 -2.67
C LYS A 64 -9.13 10.25 -4.17
N CYS A 65 -8.98 9.30 -5.11
CA CYS A 65 -9.28 9.59 -6.54
C CYS A 65 -10.73 9.97 -6.63
N LEU A 66 -11.60 9.11 -6.07
CA LEU A 66 -13.04 9.44 -6.06
C LEU A 66 -13.31 10.75 -5.37
N GLN A 67 -12.66 11.02 -4.25
CA GLN A 67 -12.95 12.25 -3.52
C GLN A 67 -12.49 13.46 -4.27
N ALA A 68 -11.45 13.30 -5.10
CA ALA A 68 -10.97 14.43 -5.88
C ALA A 68 -11.85 14.66 -7.12
N GLY A 69 -12.73 13.72 -7.41
CA GLY A 69 -13.67 13.90 -8.52
C GLY A 69 -13.34 13.11 -9.76
N MET A 70 -12.30 12.27 -9.75
CA MET A 70 -12.05 11.47 -10.97
C MET A 70 -13.28 10.69 -11.49
N ASN A 71 -13.44 10.67 -12.82
CA ASN A 71 -14.50 9.89 -13.47
C ASN A 71 -14.13 9.62 -14.96
N LEU A 72 -14.41 8.43 -15.42
CA LEU A 72 -13.91 7.96 -16.70
C LEU A 72 -14.44 8.84 -17.81
N GLU A 73 -15.69 9.27 -17.67
CA GLU A 73 -16.38 9.95 -18.74
C GLU A 73 -16.28 11.44 -18.63
N ALA A 74 -15.21 11.93 -17.99
CA ALA A 74 -15.09 13.36 -17.79
C ALA A 74 -14.99 14.06 -19.15
N ARG A 75 -14.25 13.49 -20.08
CA ARG A 75 -14.07 14.08 -21.45
C ARG A 75 -15.44 14.29 -22.10
N LYS A 76 -16.14 13.18 -22.29
CA LYS A 76 -17.50 13.17 -22.82
C LYS A 76 -18.45 14.08 -22.03
N THR A 77 -18.14 14.29 -20.76
CA THR A 77 -19.01 15.08 -19.90
C THR A 77 -18.65 16.58 -19.88
N LYS A 78 -17.39 16.92 -20.15
CA LYS A 78 -17.03 18.34 -20.21
C LYS A 78 -17.82 18.96 -21.37
N LYS A 79 -18.08 18.14 -22.39
CA LYS A 79 -18.91 18.55 -23.53
C LYS A 79 -20.40 18.46 -23.18
N LYS A 80 -21.02 19.64 -23.06
CA LYS A 80 -22.38 19.76 -22.56
C LYS A 80 -22.37 19.80 -21.05
N MET B 4 0.37 -21.34 12.75
CA MET B 4 -0.05 -20.00 12.37
C MET B 4 1.11 -19.03 12.50
N CYS B 5 1.37 -18.27 11.44
CA CYS B 5 2.45 -17.29 11.43
C CYS B 5 2.30 -16.31 12.61
N LEU B 6 3.32 -16.23 13.45
CA LEU B 6 3.40 -15.23 14.51
C LEU B 6 3.37 -13.81 13.93
N VAL B 7 3.67 -13.65 12.63
CA VAL B 7 3.70 -12.31 12.00
C VAL B 7 2.40 -11.98 11.28
N CYS B 8 2.11 -12.70 10.21
CA CYS B 8 0.92 -12.40 9.42
C CYS B 8 -0.22 -13.35 9.71
N SER B 9 -0.03 -14.21 10.72
CA SER B 9 -1.01 -15.23 11.13
C SER B 9 -1.65 -16.01 9.98
N ASP B 10 -0.95 -16.09 8.85
CA ASP B 10 -1.24 -17.08 7.82
C ASP B 10 -0.94 -18.40 8.52
N GLU B 11 -0.49 -19.42 7.80
CA GLU B 11 0.07 -20.56 8.51
C GLU B 11 1.44 -20.99 8.04
N ALA B 12 2.20 -21.46 9.01
CA ALA B 12 3.65 -21.56 8.91
C ALA B 12 4.13 -22.75 8.11
N SER B 13 5.35 -22.60 7.60
CA SER B 13 6.07 -23.69 6.96
C SER B 13 7.01 -24.30 7.99
N GLY B 14 7.34 -23.53 9.02
CA GLY B 14 8.16 -24.00 10.13
C GLY B 14 8.73 -22.84 10.92
N CYS B 15 9.88 -23.08 11.55
CA CYS B 15 10.54 -22.04 12.32
C CYS B 15 11.65 -21.39 11.48
N HIS B 16 11.57 -20.07 11.26
CA HIS B 16 12.58 -19.35 10.47
C HIS B 16 13.19 -18.16 11.20
N TYR B 17 14.51 -18.03 11.11
CA TYR B 17 15.23 -16.91 11.71
C TYR B 17 14.79 -16.63 13.14
N GLY B 18 14.53 -17.69 13.90
CA GLY B 18 14.26 -17.57 15.33
C GLY B 18 12.80 -17.62 15.73
N VAL B 19 11.90 -17.67 14.74
CA VAL B 19 10.47 -17.51 14.99
C VAL B 19 9.65 -18.41 14.07
N LEU B 20 8.46 -18.80 14.52
CA LEU B 20 7.53 -19.57 13.70
C LEU B 20 6.80 -18.65 12.71
N THR B 21 7.06 -18.83 11.42
CA THR B 21 6.53 -17.92 10.40
C THR B 21 6.12 -18.66 9.13
N CYS B 22 5.25 -18.03 8.35
CA CYS B 22 4.90 -18.48 7.01
C CYS B 22 6.10 -18.31 6.12
N GLY B 23 6.08 -18.95 4.95
CA GLY B 23 7.16 -18.82 3.99
C GLY B 23 7.24 -17.40 3.42
N SER B 24 6.12 -16.74 3.21
CA SER B 24 6.18 -15.41 2.60
C SER B 24 6.89 -14.43 3.56
N CYS B 25 6.59 -14.56 4.85
CA CYS B 25 7.26 -13.76 5.87
C CYS B 25 8.73 -14.09 6.06
N LYS B 26 9.10 -15.33 5.81
CA LYS B 26 10.49 -15.72 5.81
C LYS B 26 11.28 -14.86 4.82
N VAL B 27 10.86 -14.91 3.56
CA VAL B 27 11.60 -14.23 2.48
C VAL B 27 11.53 -12.70 2.64
N PHE B 28 10.38 -12.20 3.08
CA PHE B 28 10.22 -10.76 3.28
C PHE B 28 11.27 -10.27 4.25
N PHE B 29 11.43 -10.99 5.36
CA PHE B 29 12.39 -10.60 6.39
C PHE B 29 13.81 -10.60 5.86
N LYS B 30 14.21 -11.71 5.27
CA LYS B 30 15.54 -11.78 4.71
C LYS B 30 15.76 -10.55 3.83
N ARG B 31 14.80 -10.30 2.95
CA ARG B 31 14.92 -9.18 2.01
C ARG B 31 14.95 -7.83 2.75
N ALA B 32 14.12 -7.67 3.77
CA ALA B 32 14.05 -6.41 4.50
C ALA B 32 15.41 -6.09 5.15
N VAL B 33 15.97 -7.08 5.84
CA VAL B 33 17.20 -6.90 6.59
C VAL B 33 18.42 -6.64 5.71
N GLU B 34 18.51 -7.41 4.63
CA GLU B 34 19.62 -7.35 3.71
C GLU B 34 19.63 -6.04 2.94
N GLY B 35 18.54 -5.82 2.20
CA GLY B 35 18.42 -4.69 1.30
C GLY B 35 18.32 -3.33 1.97
N GLN B 36 18.20 -3.30 3.29
CA GLN B 36 18.38 -2.04 4.00
C GLN B 36 17.21 -1.06 3.88
N HIS B 37 16.39 -1.17 2.83
CA HIS B 37 15.45 -0.09 2.51
C HIS B 37 14.82 0.56 3.75
N ASN B 38 14.45 1.82 3.61
CA ASN B 38 13.69 2.52 4.64
C ASN B 38 12.22 2.62 4.30
N TYR B 39 11.40 2.07 5.19
CA TYR B 39 9.97 1.89 4.92
C TYR B 39 9.22 2.92 5.73
N LEU B 40 8.12 3.44 5.20
CA LEU B 40 7.31 4.41 5.95
C LEU B 40 5.86 3.95 6.07
N CYS B 41 5.31 3.92 7.30
CA CYS B 41 3.92 3.54 7.48
C CYS B 41 3.13 4.73 7.02
N ALA B 42 1.99 4.46 6.40
CA ALA B 42 1.06 5.49 6.03
C ALA B 42 -0.08 5.63 7.02
N GLY B 43 -0.09 4.92 8.13
CA GLY B 43 -1.22 5.04 9.08
C GLY B 43 -0.70 5.56 10.40
N ARG B 44 -0.59 4.66 11.36
CA ARG B 44 -0.28 5.06 12.74
C ARG B 44 0.74 4.16 13.39
N ASN B 45 1.54 3.46 12.58
CA ASN B 45 2.55 2.49 13.05
C ASN B 45 1.87 1.37 13.83
N ASP B 46 0.67 1.01 13.43
CA ASP B 46 0.00 -0.16 14.00
C ASP B 46 -0.97 -0.81 13.02
N CYS B 47 -0.52 -1.06 11.79
CA CYS B 47 -1.39 -1.60 10.79
C CYS B 47 -1.75 -3.04 11.13
N ILE B 48 -2.89 -3.49 10.62
CA ILE B 48 -3.28 -4.93 10.69
C ILE B 48 -2.40 -5.71 9.73
N ILE B 49 -1.72 -6.73 10.20
CA ILE B 49 -0.91 -7.53 9.28
C ILE B 49 -1.53 -8.94 9.14
N ASP B 50 -2.24 -9.21 8.04
CA ASP B 50 -2.80 -10.55 7.84
C ASP B 50 -2.51 -11.04 6.44
N LYS B 51 -2.96 -12.24 6.11
CA LYS B 51 -2.60 -12.88 4.85
C LYS B 51 -2.75 -11.95 3.67
N ILE B 52 -3.82 -11.18 3.69
CA ILE B 52 -4.16 -10.36 2.56
C ILE B 52 -3.56 -8.95 2.68
N ARG B 53 -3.50 -8.43 3.91
CA ARG B 53 -3.07 -7.04 4.12
C ARG B 53 -1.56 -6.87 4.37
N ARG B 54 -0.86 -8.00 4.52
CA ARG B 54 0.61 -8.09 4.63
C ARG B 54 1.38 -7.16 3.76
N LYS B 55 1.03 -7.22 2.48
CA LYS B 55 1.72 -6.51 1.42
C LYS B 55 1.54 -4.97 1.48
N ASN B 56 0.51 -4.50 2.17
CA ASN B 56 0.22 -3.08 2.30
C ASN B 56 1.24 -2.29 3.09
N CYS B 57 1.72 -2.83 4.22
CA CYS B 57 2.65 -2.00 5.01
C CYS B 57 3.89 -2.71 5.44
N PRO B 58 4.92 -2.67 4.59
CA PRO B 58 6.13 -3.38 4.93
C PRO B 58 6.79 -2.74 6.16
N ALA B 59 6.55 -1.47 6.45
CA ALA B 59 7.10 -0.95 7.72
C ALA B 59 6.52 -1.73 8.90
N CYS B 60 5.21 -1.86 8.91
CA CYS B 60 4.56 -2.49 10.08
C CYS B 60 4.84 -3.98 10.10
N ARG B 61 4.89 -4.58 8.92
CA ARG B 61 5.25 -5.99 8.81
C ARG B 61 6.63 -6.23 9.35
N TYR B 62 7.56 -5.37 8.98
CA TYR B 62 8.94 -5.58 9.33
C TYR B 62 9.12 -5.33 10.80
N ARG B 63 8.45 -4.32 11.32
CA ARG B 63 8.50 -4.05 12.76
C ARG B 63 8.07 -5.26 13.58
N LYS B 64 6.95 -5.88 13.25
CA LYS B 64 6.54 -7.03 14.04
C LYS B 64 7.28 -8.33 13.74
N CYS B 65 8.06 -8.38 12.66
CA CYS B 65 9.02 -9.46 12.49
C CYS B 65 10.02 -9.30 13.62
N LEU B 66 10.61 -8.11 13.70
CA LEU B 66 11.60 -7.80 14.72
C LEU B 66 11.08 -8.13 16.11
N GLN B 67 9.83 -7.77 16.37
CA GLN B 67 9.27 -7.88 17.70
C GLN B 67 8.75 -9.28 18.02
N ALA B 68 8.67 -10.13 17.01
CA ALA B 68 8.31 -11.51 17.26
C ALA B 68 9.61 -12.30 17.47
N GLY B 69 10.74 -11.61 17.31
CA GLY B 69 12.04 -12.15 17.64
C GLY B 69 12.89 -12.51 16.44
N MET B 70 12.40 -12.22 15.23
CA MET B 70 13.14 -12.65 14.05
C MET B 70 14.52 -11.99 14.02
N ASN B 71 15.48 -12.74 13.51
CA ASN B 71 16.88 -12.35 13.60
C ASN B 71 17.63 -13.31 12.70
N LEU B 72 18.58 -12.79 11.91
CA LEU B 72 19.30 -13.63 10.95
C LEU B 72 20.29 -14.59 11.61
N GLU B 73 20.95 -14.14 12.67
CA GLU B 73 21.84 -15.02 13.43
C GLU B 73 21.04 -15.73 14.52
N ALA B 74 20.39 -16.82 14.15
CA ALA B 74 19.63 -17.61 15.10
C ALA B 74 20.43 -18.86 15.47
N ARG B 75 21.74 -18.79 15.29
CA ARG B 75 22.63 -19.92 15.54
C ARG B 75 22.83 -20.15 17.03
ZN ZN E . -0.64 11.36 -8.08
ZN ZN F . -5.63 2.77 3.89
ZN ZN G . 3.32 -14.61 7.86
ZN ZN H . 1.74 0.56 8.95
#